data_7BNI
#
_entry.id   7BNI
#
_cell.length_a   36.719
_cell.length_b   54.911
_cell.length_c   49.181
_cell.angle_alpha   90.000
_cell.angle_beta   92.480
_cell.angle_gamma   90.000
#
_symmetry.space_group_name_H-M   'P 1 21 1'
#
loop_
_entity.id
_entity.type
_entity.pdbx_description
1 polymer Lysostaphin
2 non-polymer '2-HYDROXYBENZOIC ACID'
3 non-polymer GLYCEROL
4 non-polymer 'SULFATE ION'
5 water water
#
_entity_poly.entity_id   1
_entity_poly.type   'polypeptide(L)'
_entity_poly.pdbx_seq_one_letter_code
;SNATYKVDGKGTYYKAESASFTANYDIKTRLNGPFRSNPQSGVLHPGQTIKYDTVMKQDGHVWVVYTGYSGKRIYLPVRT
WDKNSNTLGPLWGIIN
;
_entity_poly.pdbx_strand_id   A,B
#
# COMPACT_ATOMS: atom_id res chain seq x y z
N SER A 1 -20.54 -5.84 14.46
CA SER A 1 -19.96 -6.04 13.14
C SER A 1 -19.26 -7.39 13.04
N ASN A 2 -18.98 -7.82 11.80
CA ASN A 2 -18.16 -9.01 11.56
C ASN A 2 -18.75 -10.25 12.23
N ALA A 3 -20.07 -10.41 12.06
CA ALA A 3 -20.80 -11.47 12.73
C ALA A 3 -20.30 -12.85 12.35
N THR A 4 -19.75 -13.01 11.14
CA THR A 4 -19.28 -14.31 10.66
C THR A 4 -17.82 -14.59 11.03
N TYR A 5 -17.16 -13.65 11.69
CA TYR A 5 -15.79 -13.82 12.13
C TYR A 5 -15.79 -14.10 13.63
N LYS A 6 -14.73 -14.75 14.10
CA LYS A 6 -14.35 -14.77 15.50
C LYS A 6 -13.25 -13.74 15.74
N VAL A 7 -12.87 -13.55 17.00
CA VAL A 7 -11.88 -12.54 17.37
C VAL A 7 -10.82 -13.16 18.28
N ASP A 8 -9.56 -12.81 18.03
CA ASP A 8 -8.47 -13.38 18.79
C ASP A 8 -8.04 -12.41 19.89
N GLY A 9 -6.96 -12.75 20.60
CA GLY A 9 -6.55 -11.97 21.74
C GLY A 9 -5.94 -10.63 21.39
N LYS A 10 -5.57 -10.43 20.13
CA LYS A 10 -5.12 -9.12 19.64
C LYS A 10 -6.24 -8.32 19.01
N GLY A 11 -7.47 -8.82 19.05
CA GLY A 11 -8.55 -8.11 18.40
C GLY A 11 -8.66 -8.34 16.92
N THR A 12 -7.91 -9.28 16.37
CA THR A 12 -8.01 -9.65 14.97
C THR A 12 -9.25 -10.49 14.73
N TYR A 13 -10.05 -10.08 13.74
CA TYR A 13 -11.19 -10.88 13.33
C TYR A 13 -10.68 -11.94 12.35
N TYR A 14 -11.13 -13.18 12.52
CA TYR A 14 -10.65 -14.24 11.65
C TYR A 14 -11.75 -15.23 11.32
N LYS A 15 -11.58 -15.93 10.19
CA LYS A 15 -12.52 -16.95 9.77
CA LYS A 15 -12.52 -16.94 9.75
C LYS A 15 -11.82 -17.87 8.77
N ALA A 16 -12.22 -19.14 8.79
CA ALA A 16 -11.70 -20.10 7.84
C ALA A 16 -12.46 -19.93 6.52
N GLU A 17 -11.70 -19.72 5.44
CA GLU A 17 -12.28 -19.57 4.12
C GLU A 17 -11.16 -19.75 3.11
N SER A 18 -11.43 -20.50 2.04
CA SER A 18 -10.38 -20.94 1.13
C SER A 18 -10.74 -20.54 -0.29
N ALA A 19 -9.80 -19.88 -0.96
CA ALA A 19 -9.91 -19.58 -2.38
C ALA A 19 -8.51 -19.23 -2.86
N SER A 20 -8.41 -18.73 -4.07
CA SER A 20 -7.15 -18.31 -4.64
C SER A 20 -7.19 -16.81 -4.87
N PHE A 21 -6.04 -16.17 -4.68
CA PHE A 21 -5.89 -14.74 -4.87
C PHE A 21 -4.73 -14.53 -5.84
N THR A 22 -4.98 -13.74 -6.87
CA THR A 22 -3.97 -13.35 -7.85
C THR A 22 -3.75 -11.85 -7.72
N ALA A 23 -2.52 -11.46 -7.46
CA ALA A 23 -2.25 -10.05 -7.23
C ALA A 23 -2.29 -9.25 -8.53
N ASN A 24 -2.74 -7.99 -8.42
CA ASN A 24 -2.66 -7.03 -9.51
C ASN A 24 -1.62 -5.96 -9.25
N TYR A 25 -0.94 -6.03 -8.12
CA TYR A 25 0.08 -5.07 -7.69
C TYR A 25 1.17 -5.85 -7.00
N ASP A 26 2.32 -5.19 -6.78
CA ASP A 26 3.27 -5.67 -5.80
C ASP A 26 2.71 -5.47 -4.40
N ILE A 27 2.47 -6.55 -3.68
CA ILE A 27 1.88 -6.46 -2.35
C ILE A 27 2.82 -7.13 -1.37
N LYS A 28 3.25 -6.38 -0.36
CA LYS A 28 4.12 -6.92 0.65
C LYS A 28 3.37 -7.88 1.57
N THR A 29 4.01 -8.99 1.85
CA THR A 29 3.47 -9.99 2.76
C THR A 29 4.21 -9.97 4.09
N ARG A 30 3.55 -10.44 5.14
CA ARG A 30 4.08 -10.35 6.49
C ARG A 30 4.17 -11.72 7.14
N LEU A 31 5.12 -11.83 8.07
CA LEU A 31 5.21 -12.92 9.00
C LEU A 31 4.48 -12.57 10.30
N ASN A 32 4.16 -13.63 11.06
CA ASN A 32 3.71 -13.58 12.44
C ASN A 32 2.24 -13.18 12.63
N GLY A 33 1.72 -12.29 11.81
CA GLY A 33 0.35 -11.87 11.94
C GLY A 33 0.03 -10.72 11.01
N PRO A 34 -1.25 -10.37 10.95
CA PRO A 34 -1.77 -9.37 9.99
C PRO A 34 -1.55 -7.93 10.44
N PHE A 35 -0.29 -7.52 10.52
CA PHE A 35 0.11 -6.17 10.89
C PHE A 35 1.23 -5.73 9.96
N ARG A 36 1.08 -4.56 9.35
CA ARG A 36 2.14 -4.04 8.50
C ARG A 36 3.44 -3.81 9.23
N SER A 37 3.40 -3.61 10.55
CA SER A 37 4.60 -3.45 11.36
C SER A 37 5.36 -4.74 11.58
N ASN A 38 4.78 -5.89 11.24
CA ASN A 38 5.47 -7.16 11.43
C ASN A 38 6.58 -7.35 10.41
N PRO A 39 7.44 -8.33 10.63
CA PRO A 39 8.52 -8.59 9.68
C PRO A 39 7.94 -8.95 8.32
N GLN A 40 8.66 -8.53 7.28
CA GLN A 40 8.21 -8.79 5.91
C GLN A 40 8.64 -10.18 5.48
N SER A 41 7.68 -10.95 4.98
CA SER A 41 7.97 -12.24 4.37
C SER A 41 8.53 -12.07 2.96
N GLY A 42 7.91 -11.18 2.20
CA GLY A 42 8.30 -10.94 0.83
C GLY A 42 7.22 -10.15 0.13
N VAL A 43 6.84 -10.59 -1.06
N VAL A 43 6.93 -10.52 -1.11
CA VAL A 43 5.95 -9.82 -1.91
CA VAL A 43 5.94 -9.79 -1.91
C VAL A 43 5.26 -10.76 -2.87
C VAL A 43 5.25 -10.77 -2.83
N LEU A 44 4.01 -10.46 -3.18
CA LEU A 44 3.36 -11.04 -4.35
C LEU A 44 3.55 -10.03 -5.47
N HIS A 45 4.02 -10.48 -6.60
CA HIS A 45 4.08 -9.62 -7.77
C HIS A 45 2.84 -9.80 -8.62
N PRO A 46 2.53 -8.85 -9.49
CA PRO A 46 1.35 -8.99 -10.34
C PRO A 46 1.36 -10.32 -11.09
N GLY A 47 0.20 -10.96 -11.11
CA GLY A 47 0.03 -12.21 -11.80
C GLY A 47 0.36 -13.43 -10.98
N GLN A 48 0.92 -13.24 -9.80
CA GLN A 48 1.20 -14.37 -8.92
C GLN A 48 -0.04 -14.73 -8.11
N THR A 49 -0.24 -16.04 -7.94
CA THR A 49 -1.45 -16.58 -7.35
C THR A 49 -1.10 -17.47 -6.17
N ILE A 50 -1.76 -17.25 -5.01
CA ILE A 50 -1.54 -18.11 -3.83
C ILE A 50 -2.91 -18.70 -3.44
N LYS A 51 -2.92 -19.79 -2.72
CA LYS A 51 -4.16 -20.40 -2.24
CA LYS A 51 -4.16 -20.40 -2.24
C LYS A 51 -4.22 -20.16 -0.75
N TYR A 52 -5.23 -19.41 -0.30
CA TYR A 52 -5.35 -19.07 1.11
C TYR A 52 -6.40 -19.93 1.80
N ASP A 53 -6.31 -19.98 3.14
CA ASP A 53 -7.21 -20.79 3.95
C ASP A 53 -7.88 -20.04 5.10
N THR A 54 -7.47 -18.81 5.37
CA THR A 54 -7.98 -18.04 6.49
C THR A 54 -8.04 -16.59 6.03
N VAL A 55 -9.07 -15.88 6.48
CA VAL A 55 -9.26 -14.45 6.22
CA VAL A 55 -9.21 -14.45 6.22
C VAL A 55 -9.25 -13.73 7.57
N MET A 56 -8.56 -12.61 7.64
CA MET A 56 -8.46 -11.81 8.87
C MET A 56 -8.71 -10.36 8.57
N LYS A 57 -9.21 -9.66 9.57
CA LYS A 57 -9.32 -8.20 9.52
C LYS A 57 -8.58 -7.62 10.70
N GLN A 58 -7.60 -6.77 10.40
CA GLN A 58 -6.72 -6.18 11.40
C GLN A 58 -5.92 -5.10 10.69
N ASP A 59 -5.46 -4.11 11.46
CA ASP A 59 -4.52 -3.12 10.96
C ASP A 59 -4.99 -2.49 9.65
N GLY A 60 -6.27 -2.14 9.61
CA GLY A 60 -6.81 -1.37 8.50
C GLY A 60 -7.00 -2.13 7.20
N HIS A 61 -6.98 -3.46 7.23
CA HIS A 61 -7.01 -4.26 6.00
C HIS A 61 -7.74 -5.56 6.22
N VAL A 62 -8.25 -6.13 5.13
CA VAL A 62 -8.53 -7.57 5.06
C VAL A 62 -7.26 -8.24 4.59
N TRP A 63 -6.92 -9.35 5.22
CA TRP A 63 -5.75 -10.16 4.94
C TRP A 63 -6.21 -11.58 4.62
N VAL A 64 -5.44 -12.26 3.78
CA VAL A 64 -5.60 -13.70 3.61
C VAL A 64 -4.30 -14.36 4.04
N VAL A 65 -4.41 -15.61 4.51
CA VAL A 65 -3.29 -16.30 5.12
C VAL A 65 -3.05 -17.62 4.42
N TYR A 66 -1.78 -17.93 4.18
CA TYR A 66 -1.38 -19.19 3.57
C TYR A 66 -0.09 -19.67 4.22
N THR A 67 0.36 -20.85 3.81
CA THR A 67 1.57 -21.44 4.36
C THR A 67 2.66 -21.49 3.30
N GLY A 68 3.87 -21.01 3.67
CA GLY A 68 5.03 -21.09 2.79
C GLY A 68 5.63 -22.49 2.80
N TYR A 69 6.63 -22.69 1.92
CA TYR A 69 7.21 -24.00 1.77
C TYR A 69 7.74 -24.55 3.09
N SER A 70 8.32 -23.69 3.91
CA SER A 70 8.87 -24.12 5.18
C SER A 70 7.82 -24.38 6.25
N GLY A 71 6.57 -24.06 6.01
CA GLY A 71 5.54 -24.15 7.02
C GLY A 71 5.26 -22.86 7.74
N LYS A 72 6.11 -21.83 7.58
CA LYS A 72 5.80 -20.45 8.03
C LYS A 72 4.44 -19.96 7.48
N ARG A 73 3.64 -19.32 8.32
CA ARG A 73 2.39 -18.71 7.90
C ARG A 73 2.67 -17.31 7.39
N ILE A 74 2.02 -16.96 6.28
CA ILE A 74 2.27 -15.73 5.54
C ILE A 74 0.95 -14.97 5.43
N TYR A 75 1.00 -13.68 5.76
CA TYR A 75 -0.19 -12.82 5.87
C TYR A 75 -0.13 -11.79 4.74
N LEU A 76 -1.14 -11.81 3.87
CA LEU A 76 -1.19 -10.99 2.66
C LEU A 76 -2.35 -10.03 2.74
N PRO A 77 -2.13 -8.71 2.77
CA PRO A 77 -3.26 -7.77 2.76
C PRO A 77 -3.80 -7.65 1.35
N VAL A 78 -5.12 -7.59 1.22
CA VAL A 78 -5.77 -7.63 -0.06
C VAL A 78 -6.67 -6.44 -0.35
N ARG A 79 -7.02 -5.62 0.64
CA ARG A 79 -7.84 -4.43 0.48
C ARG A 79 -7.92 -3.72 1.82
N THR A 80 -8.34 -2.46 1.78
CA THR A 80 -8.51 -1.74 3.04
C THR A 80 -9.80 -2.16 3.73
N TRP A 81 -9.84 -1.93 5.04
CA TRP A 81 -10.99 -2.22 5.89
C TRP A 81 -11.03 -1.19 7.01
N ASP A 82 -12.16 -0.53 7.15
CA ASP A 82 -12.39 0.43 8.23
C ASP A 82 -13.12 -0.29 9.36
N LYS A 83 -12.48 -0.39 10.53
CA LYS A 83 -13.03 -1.17 11.63
C LYS A 83 -14.36 -0.62 12.14
N ASN A 84 -14.49 0.70 12.22
CA ASN A 84 -15.68 1.28 12.83
C ASN A 84 -16.91 1.22 11.93
N SER A 85 -16.72 1.07 10.62
CA SER A 85 -17.84 0.98 9.70
C SER A 85 -17.94 -0.34 8.96
N ASN A 86 -16.90 -1.17 9.00
CA ASN A 86 -16.78 -2.39 8.20
C ASN A 86 -16.76 -2.10 6.69
N THR A 87 -16.42 -0.88 6.29
CA THR A 87 -16.32 -0.56 4.87
C THR A 87 -15.02 -1.13 4.29
N LEU A 88 -15.13 -1.67 3.08
CA LEU A 88 -14.00 -2.31 2.42
C LEU A 88 -13.62 -1.53 1.17
N GLY A 89 -12.31 -1.42 0.94
CA GLY A 89 -11.81 -0.82 -0.27
C GLY A 89 -11.76 -1.81 -1.41
N PRO A 90 -11.37 -1.32 -2.58
CA PRO A 90 -11.30 -2.20 -3.74
C PRO A 90 -10.25 -3.28 -3.54
N LEU A 91 -10.53 -4.46 -4.09
CA LEU A 91 -9.57 -5.56 -4.00
C LEU A 91 -8.34 -5.30 -4.85
N TRP A 92 -7.19 -5.72 -4.32
CA TRP A 92 -5.89 -5.52 -4.96
C TRP A 92 -5.53 -6.67 -5.89
N GLY A 93 -6.51 -7.49 -6.25
CA GLY A 93 -6.27 -8.61 -7.14
C GLY A 93 -7.57 -9.31 -7.41
N ILE A 94 -7.46 -10.53 -7.89
CA ILE A 94 -8.61 -11.30 -8.35
C ILE A 94 -8.75 -12.52 -7.47
N ILE A 95 -9.97 -12.78 -7.02
CA ILE A 95 -10.28 -13.97 -6.24
C ILE A 95 -11.05 -14.91 -7.15
N ASN A 96 -10.60 -16.14 -7.22
CA ASN A 96 -11.32 -17.16 -7.97
C ASN A 96 -11.08 -18.54 -7.39
N SER B 1 10.45 1.49 -18.71
CA SER B 1 11.48 2.51 -18.77
C SER B 1 10.91 3.91 -18.65
N ASN B 2 9.60 4.00 -18.41
CA ASN B 2 8.98 5.25 -17.98
C ASN B 2 9.04 6.30 -19.07
N ALA B 3 8.57 5.93 -20.25
CA ALA B 3 8.76 6.75 -21.44
C ALA B 3 8.05 8.07 -21.34
N THR B 4 6.98 8.18 -20.54
CA THR B 4 6.24 9.44 -20.42
C THR B 4 6.86 10.38 -19.38
N TYR B 5 7.90 9.95 -18.70
CA TYR B 5 8.56 10.77 -17.69
C TYR B 5 9.85 11.35 -18.23
N LYS B 6 10.18 12.55 -17.76
CA LYS B 6 11.50 13.14 -17.89
C LYS B 6 12.35 12.68 -16.71
N VAL B 7 13.62 13.02 -16.73
CA VAL B 7 14.55 12.56 -15.70
C VAL B 7 15.42 13.72 -15.24
N ASP B 8 15.72 13.76 -13.93
CA ASP B 8 16.57 14.81 -13.40
C ASP B 8 17.98 14.30 -13.14
N GLY B 9 18.81 15.18 -12.57
CA GLY B 9 20.22 14.89 -12.36
C GLY B 9 20.49 13.83 -11.33
N LYS B 10 19.51 13.49 -10.48
CA LYS B 10 19.62 12.38 -9.55
C LYS B 10 18.94 11.14 -10.09
N GLY B 11 18.49 11.14 -11.35
CA GLY B 11 17.82 9.99 -11.89
C GLY B 11 16.39 9.82 -11.42
N THR B 12 15.81 10.86 -10.81
CA THR B 12 14.40 10.84 -10.48
C THR B 12 13.59 11.02 -11.75
N TYR B 13 12.61 10.14 -11.97
CA TYR B 13 11.68 10.34 -13.07
C TYR B 13 10.58 11.28 -12.61
N TYR B 14 10.20 12.21 -13.47
CA TYR B 14 9.18 13.18 -13.08
C TYR B 14 8.33 13.55 -14.29
N LYS B 15 7.08 13.94 -14.00
CA LYS B 15 6.19 14.46 -15.01
C LYS B 15 5.22 15.44 -14.35
N ALA B 16 4.79 16.42 -15.13
CA ALA B 16 3.74 17.33 -14.67
C ALA B 16 2.41 16.64 -14.80
N GLU B 17 1.65 16.61 -13.71
CA GLU B 17 0.36 15.96 -13.66
C GLU B 17 -0.32 16.49 -12.44
N SER B 18 -1.60 16.95 -12.67
CA SER B 18 -2.35 17.59 -11.58
C SER B 18 -3.63 16.79 -11.28
N ALA B 19 -3.78 16.50 -10.00
CA ALA B 19 -4.97 15.84 -9.48
C ALA B 19 -4.96 16.00 -7.98
N SER B 20 -5.91 15.34 -7.33
CA SER B 20 -6.03 15.37 -5.88
C SER B 20 -5.78 13.97 -5.34
N PHE B 21 -5.16 13.92 -4.16
CA PHE B 21 -4.87 12.67 -3.47
C PHE B 21 -5.41 12.74 -2.05
N THR B 22 -6.22 11.75 -1.68
CA THR B 22 -6.78 11.64 -0.34
C THR B 22 -6.17 10.41 0.33
N ALA B 23 -5.52 10.61 1.46
CA ALA B 23 -4.80 9.51 2.10
C ALA B 23 -5.73 8.48 2.71
N ASN B 24 -5.34 7.20 2.59
CA ASN B 24 -5.97 6.13 3.34
C ASN B 24 -5.26 5.82 4.65
N TYR B 25 -4.01 6.26 4.78
CA TYR B 25 -3.13 5.91 5.87
C TYR B 25 -2.41 7.17 6.33
N ASP B 26 -1.78 7.09 7.51
CA ASP B 26 -0.77 8.07 7.88
C ASP B 26 0.41 7.92 6.93
N ILE B 27 0.80 9.01 6.27
CA ILE B 27 1.91 8.99 5.32
C ILE B 27 2.81 10.16 5.63
N LYS B 28 4.08 9.87 5.91
CA LYS B 28 5.03 10.94 6.19
C LYS B 28 5.43 11.65 4.92
N THR B 29 5.50 12.98 4.99
CA THR B 29 5.88 13.83 3.87
C THR B 29 7.30 14.36 4.07
N ARG B 30 7.94 14.69 2.94
CA ARG B 30 9.33 15.10 2.93
C ARG B 30 9.51 16.48 2.32
N LEU B 31 10.54 17.16 2.79
CA LEU B 31 11.05 18.37 2.17
C LEU B 31 12.14 18.01 1.18
N ASN B 32 12.42 18.94 0.27
CA ASN B 32 13.60 18.95 -0.60
C ASN B 32 13.57 18.00 -1.79
N GLY B 33 12.99 16.82 -1.64
CA GLY B 33 12.93 15.89 -2.73
C GLY B 33 12.35 14.55 -2.32
N PRO B 34 12.16 13.68 -3.30
CA PRO B 34 11.46 12.41 -3.09
C PRO B 34 12.40 11.31 -2.57
N PHE B 35 12.95 11.55 -1.39
CA PHE B 35 13.78 10.60 -0.68
C PHE B 35 13.34 10.56 0.78
N ARG B 36 13.14 9.35 1.30
CA ARG B 36 12.73 9.21 2.69
C ARG B 36 13.80 9.68 3.66
N SER B 37 15.07 9.75 3.24
CA SER B 37 16.14 10.27 4.08
C SER B 37 16.08 11.78 4.26
N ASN B 38 15.23 12.48 3.51
CA ASN B 38 15.16 13.92 3.60
C ASN B 38 14.42 14.36 4.86
N PRO B 39 14.50 15.64 5.21
CA PRO B 39 13.78 16.12 6.40
C PRO B 39 12.29 15.90 6.25
N GLN B 40 11.66 15.60 7.37
CA GLN B 40 10.23 15.34 7.38
C GLN B 40 9.46 16.66 7.47
N SER B 41 8.56 16.89 6.51
CA SER B 41 7.68 18.04 6.58
C SER B 41 6.55 17.81 7.58
N GLY B 42 6.01 16.60 7.59
CA GLY B 42 4.86 16.29 8.43
C GLY B 42 4.23 14.98 8.01
N VAL B 43 2.90 14.95 7.95
CA VAL B 43 2.14 13.74 7.69
C VAL B 43 0.83 14.11 7.04
N LEU B 44 0.36 13.28 6.12
CA LEU B 44 -1.03 13.29 5.71
C LEU B 44 -1.73 12.18 6.48
N HIS B 45 -2.82 12.51 7.14
CA HIS B 45 -3.65 11.56 7.86
C HIS B 45 -4.78 11.06 7.00
N PRO B 46 -5.37 9.92 7.35
CA PRO B 46 -6.50 9.39 6.57
C PRO B 46 -7.60 10.43 6.39
N GLY B 47 -8.11 10.51 5.16
CA GLY B 47 -9.16 11.44 4.82
C GLY B 47 -8.69 12.83 4.45
N GLN B 48 -7.41 13.13 4.64
CA GLN B 48 -6.88 14.43 4.25
C GLN B 48 -6.52 14.41 2.78
N THR B 49 -6.80 15.52 2.10
CA THR B 49 -6.64 15.68 0.66
C THR B 49 -5.71 16.84 0.33
N ILE B 50 -4.83 16.63 -0.64
CA ILE B 50 -3.92 17.68 -1.16
C ILE B 50 -4.08 17.68 -2.68
N LYS B 51 -3.79 18.80 -3.31
CA LYS B 51 -3.84 18.94 -4.78
C LYS B 51 -2.37 18.96 -5.21
N TYR B 52 -1.94 18.00 -6.03
CA TYR B 52 -0.56 17.91 -6.45
C TYR B 52 -0.42 18.34 -7.91
N ASP B 53 0.81 18.68 -8.30
CA ASP B 53 1.08 19.15 -9.65
C ASP B 53 2.20 18.41 -10.36
N THR B 54 2.90 17.49 -9.68
CA THR B 54 4.00 16.76 -10.27
C THR B 54 4.01 15.37 -9.66
N VAL B 55 4.36 14.38 -10.47
CA VAL B 55 4.53 12.99 -10.05
CA VAL B 55 4.55 13.02 -9.99
C VAL B 55 5.99 12.61 -10.27
N MET B 56 6.55 11.87 -9.33
CA MET B 56 7.95 11.47 -9.40
C MET B 56 8.12 10.02 -8.99
N LYS B 57 9.12 9.37 -9.56
CA LYS B 57 9.48 8.00 -9.19
C LYS B 57 10.94 7.99 -8.74
N GLN B 58 11.15 7.65 -7.47
CA GLN B 58 12.47 7.66 -6.85
C GLN B 58 12.36 6.91 -5.53
N ASP B 59 13.48 6.41 -5.06
CA ASP B 59 13.60 5.86 -3.70
C ASP B 59 12.48 4.85 -3.43
N GLY B 60 12.26 3.97 -4.40
CA GLY B 60 11.34 2.85 -4.21
C GLY B 60 9.87 3.20 -4.18
N HIS B 61 9.47 4.41 -4.59
CA HIS B 61 8.10 4.85 -4.47
C HIS B 61 7.74 5.76 -5.63
N VAL B 62 6.43 5.87 -5.88
CA VAL B 62 5.88 7.00 -6.62
C VAL B 62 5.53 8.06 -5.59
N TRP B 63 5.80 9.31 -5.94
CA TRP B 63 5.57 10.46 -5.08
C TRP B 63 4.75 11.47 -5.86
N VAL B 64 3.96 12.25 -5.14
CA VAL B 64 3.34 13.45 -5.70
C VAL B 64 3.86 14.66 -4.95
N VAL B 65 3.88 15.80 -5.64
CA VAL B 65 4.51 17.00 -5.11
C VAL B 65 3.50 18.14 -5.10
N TYR B 66 3.48 18.91 -4.02
CA TYR B 66 2.55 20.01 -3.87
C TYR B 66 3.25 21.13 -3.11
N THR B 67 2.63 22.31 -3.14
CA THR B 67 3.16 23.46 -2.42
C THR B 67 2.38 23.59 -1.11
N GLY B 68 3.13 23.62 0.00
CA GLY B 68 2.50 23.68 1.30
C GLY B 68 2.07 25.06 1.66
N TYR B 69 1.33 25.23 2.79
CA TYR B 69 0.77 26.52 3.29
C TYR B 69 1.91 27.51 3.52
N SER B 70 3.17 27.09 3.39
CA SER B 70 4.28 28.02 3.60
C SER B 70 5.02 28.37 2.31
N GLY B 71 4.59 27.85 1.16
CA GLY B 71 5.32 28.02 -0.07
C GLY B 71 6.34 26.95 -0.34
N LYS B 72 6.58 26.05 0.60
CA LYS B 72 7.59 25.03 0.45
C LYS B 72 7.04 23.89 -0.39
N ARG B 73 7.92 23.22 -1.11
CA ARG B 73 7.52 22.05 -1.88
C ARG B 73 7.55 20.83 -0.97
N ILE B 74 6.47 20.05 -1.00
CA ILE B 74 6.27 18.91 -0.12
C ILE B 74 6.14 17.67 -1.01
N TYR B 75 6.89 16.62 -0.65
CA TYR B 75 7.00 15.39 -1.42
C TYR B 75 6.31 14.28 -0.65
N LEU B 76 5.26 13.74 -1.23
CA LEU B 76 4.37 12.78 -0.57
C LEU B 76 4.47 11.45 -1.29
N PRO B 77 4.98 10.40 -0.64
CA PRO B 77 4.99 9.08 -1.29
C PRO B 77 3.58 8.52 -1.28
N VAL B 78 3.19 7.85 -2.38
CA VAL B 78 1.81 7.38 -2.51
C VAL B 78 1.66 5.88 -2.81
N ARG B 79 2.77 5.20 -3.10
CA ARG B 79 2.76 3.76 -3.37
C ARG B 79 4.21 3.33 -3.60
N THR B 80 4.46 2.04 -3.46
CA THR B 80 5.75 1.49 -3.86
C THR B 80 5.90 1.41 -5.38
N TRP B 81 7.17 1.43 -5.78
CA TRP B 81 7.56 1.31 -7.18
C TRP B 81 8.86 0.55 -7.25
N ASP B 82 8.89 -0.47 -8.08
CA ASP B 82 10.07 -1.29 -8.29
C ASP B 82 10.76 -0.79 -9.55
N LYS B 83 11.97 -0.24 -9.40
CA LYS B 83 12.65 0.38 -10.57
C LYS B 83 13.08 -0.65 -11.63
N ASN B 84 13.20 -1.90 -11.26
CA ASN B 84 13.68 -2.91 -12.19
C ASN B 84 12.55 -3.53 -12.99
N SER B 85 11.42 -3.79 -12.38
CA SER B 85 10.27 -4.30 -13.11
C SER B 85 9.32 -3.19 -13.54
N ASN B 86 9.45 -1.99 -12.99
CA ASN B 86 8.51 -0.90 -13.19
C ASN B 86 7.11 -1.22 -12.64
N THR B 87 6.98 -2.20 -11.76
CA THR B 87 5.69 -2.51 -11.18
C THR B 87 5.41 -1.65 -9.96
N LEU B 88 4.14 -1.47 -9.67
CA LEU B 88 3.66 -0.62 -8.61
C LEU B 88 2.94 -1.41 -7.53
N GLY B 89 3.03 -0.91 -6.29
CA GLY B 89 2.17 -1.38 -5.23
C GLY B 89 0.81 -0.70 -5.24
N PRO B 90 -0.09 -1.17 -4.41
CA PRO B 90 -1.40 -0.51 -4.30
C PRO B 90 -1.24 0.94 -3.83
N LEU B 91 -2.09 1.80 -4.34
CA LEU B 91 -2.07 3.19 -3.91
CA LEU B 91 -2.08 3.19 -3.91
C LEU B 91 -2.44 3.30 -2.44
N TRP B 92 -1.85 4.29 -1.78
CA TRP B 92 -2.04 4.56 -0.37
C TRP B 92 -3.18 5.54 -0.12
N GLY B 93 -4.05 5.72 -1.10
CA GLY B 93 -5.11 6.69 -0.99
C GLY B 93 -5.89 6.66 -2.28
N ILE B 94 -6.69 7.70 -2.48
CA ILE B 94 -7.61 7.80 -3.59
C ILE B 94 -7.25 9.05 -4.38
N ILE B 95 -7.14 8.90 -5.69
CA ILE B 95 -6.86 10.01 -6.58
C ILE B 95 -8.14 10.36 -7.32
N ASN B 96 -8.39 11.67 -7.45
CA ASN B 96 -9.52 12.15 -8.24
C ASN B 96 -9.33 13.57 -8.73
#